data_1QGI
#
_entry.id   1QGI
#
_cell.length_a   43.300
_cell.length_b   128.000
_cell.length_c   57.700
_cell.angle_alpha   90.00
_cell.angle_beta   90.00
_cell.angle_gamma   90.00
#
_symmetry.space_group_name_H-M   'P 21 21 2'
#
loop_
_entity.id
_entity.type
_entity.pdbx_description
1 polymer 'PROTEIN (CHITOSANASE)'
2 branched 2-amino-2-deoxy-beta-D-glucopyranose-(1-4)-2-amino-2-deoxy-beta-D-glucopyranose-(1-4)-2-acetamido-2-deoxy-beta-D-glucopyranose
3 non-polymer 'SULFATE ION'
4 water water
#
_entity_poly.entity_id   1
_entity_poly.type   'polypeptide(L)'
_entity_poly.pdbx_seq_one_letter_code
;ASPDDNFSPETLQFLRNNTGLDGEQWNNIMKLINKPEQDDLNWIKYYGYCEDIEDERGYTIGLFGATTGGSRDTHPDGPD
LFKAYDAAKGASNPSADGALKRLGINGKMKGSILEIKDSEKVFCGKIKKLQNDAAWRKAMWETFYNVYIRYSVEQARQRG
FTSAVTIGSFVDTALNQGATGGSDTLQGLLARSGSSSNEKTFMKNFHAKRTLVVDTNKYNKPPNGKNRVKQWDTLVDMGK
MNLKNVDSEIAQVTDWEMK
;
_entity_poly.pdbx_strand_id   A
#
loop_
_chem_comp.id
_chem_comp.type
_chem_comp.name
_chem_comp.formula
GCS D-saccharide, beta linking 2-amino-2-deoxy-beta-D-glucopyranose 'C6 H13 N O5'
NAG D-saccharide, beta linking 2-acetamido-2-deoxy-beta-D-glucopyranose 'C8 H15 N O6'
SO4 non-polymer 'SULFATE ION' 'O4 S -2'
#
# COMPACT_ATOMS: atom_id res chain seq x y z
N ALA A 1 2.58 20.49 7.42
CA ALA A 1 2.48 19.00 7.38
C ALA A 1 1.25 18.48 8.14
N SER A 2 1.41 18.23 9.43
CA SER A 2 0.35 17.68 10.27
C SER A 2 -0.19 16.44 9.58
N PRO A 3 0.61 15.37 9.58
CA PRO A 3 0.27 14.10 8.96
C PRO A 3 -1.07 13.52 9.40
N ASP A 4 -1.48 13.78 10.65
CA ASP A 4 -2.74 13.23 11.16
C ASP A 4 -3.98 13.47 10.31
N ASP A 5 -4.09 14.64 9.70
CA ASP A 5 -5.25 14.99 8.86
C ASP A 5 -5.32 14.15 7.58
N ASN A 6 -4.23 13.44 7.28
CA ASN A 6 -4.13 12.64 6.06
C ASN A 6 -4.77 11.25 6.25
N PHE A 7 -5.22 11.04 7.44
CA PHE A 7 -5.91 9.82 7.85
C PHE A 7 -7.29 10.25 8.35
N SER A 8 -7.63 9.59 9.48
CA SER A 8 -8.88 9.82 10.24
C SER A 8 -8.64 9.38 11.68
N PRO A 9 -9.36 9.94 12.65
CA PRO A 9 -9.14 9.61 14.07
C PRO A 9 -9.11 8.11 14.35
N GLU A 10 -10.11 7.40 13.85
CA GLU A 10 -10.22 5.97 14.05
C GLU A 10 -9.08 5.21 13.33
N THR A 11 -8.74 5.65 12.13
CA THR A 11 -7.66 5.00 11.38
C THR A 11 -6.34 5.10 12.14
N LEU A 12 -6.05 6.25 12.75
CA LEU A 12 -4.80 6.37 13.50
C LEU A 12 -4.76 5.45 14.72
N GLN A 13 -5.88 5.30 15.41
CA GLN A 13 -5.93 4.40 16.56
C GLN A 13 -5.62 2.99 16.08
N PHE A 14 -6.25 2.60 14.98
CA PHE A 14 -6.07 1.27 14.37
C PHE A 14 -4.60 1.02 13.99
N LEU A 15 -4.00 1.97 13.30
CA LEU A 15 -2.62 1.84 12.87
C LEU A 15 -1.66 1.83 14.05
N ARG A 16 -1.90 2.67 15.06
CA ARG A 16 -1.00 2.67 16.21
C ARG A 16 -1.08 1.35 16.98
N ASN A 17 -2.30 0.87 17.23
CA ASN A 17 -2.45 -0.36 17.99
C ASN A 17 -1.93 -1.60 17.27
N ASN A 18 -2.03 -1.62 15.95
CA ASN A 18 -1.59 -2.81 15.20
C ASN A 18 -0.20 -2.76 14.57
N THR A 19 0.37 -1.57 14.44
CA THR A 19 1.69 -1.47 13.82
C THR A 19 2.67 -0.76 14.71
N GLY A 20 2.16 -0.08 15.74
CA GLY A 20 2.99 0.65 16.68
C GLY A 20 3.56 1.96 16.12
N LEU A 21 3.12 2.37 14.93
CA LEU A 21 3.62 3.58 14.31
C LEU A 21 2.56 4.68 14.35
N ASP A 22 3.00 5.94 14.38
CA ASP A 22 2.09 7.06 14.44
C ASP A 22 1.79 7.71 13.09
N GLY A 23 1.04 8.82 13.13
CA GLY A 23 0.67 9.53 11.91
C GLY A 23 1.82 10.06 11.09
N GLU A 24 2.82 10.61 11.75
CA GLU A 24 3.97 11.15 11.04
C GLU A 24 4.74 10.03 10.34
N GLN A 25 4.95 8.94 11.06
CA GLN A 25 5.69 7.80 10.51
C GLN A 25 4.93 7.19 9.33
N TRP A 26 3.63 6.97 9.45
CA TRP A 26 2.89 6.43 8.32
C TRP A 26 2.81 7.39 7.16
N ASN A 27 2.76 8.69 7.46
CA ASN A 27 2.73 9.67 6.40
C ASN A 27 4.04 9.61 5.61
N ASN A 28 5.15 9.46 6.33
CA ASN A 28 6.45 9.40 5.68
C ASN A 28 6.59 8.12 4.85
N ILE A 29 6.07 7.03 5.39
CA ILE A 29 6.10 5.76 4.66
C ILE A 29 5.33 5.91 3.35
N MET A 30 4.14 6.52 3.43
CA MET A 30 3.33 6.70 2.22
C MET A 30 3.97 7.60 1.17
N LYS A 31 4.73 8.59 1.60
CA LYS A 31 5.41 9.46 0.65
C LYS A 31 6.43 8.63 -0.13
N LEU A 32 7.17 7.80 0.60
CA LEU A 32 8.18 6.95 0.01
C LEU A 32 7.61 5.89 -0.91
N ILE A 33 6.43 5.37 -0.59
CA ILE A 33 5.78 4.36 -1.44
C ILE A 33 5.11 5.01 -2.67
N ASN A 34 4.50 6.17 -2.46
CA ASN A 34 3.79 6.84 -3.55
C ASN A 34 4.69 7.40 -4.63
N LYS A 35 5.93 7.74 -4.27
CA LYS A 35 6.88 8.25 -5.27
C LYS A 35 7.06 7.24 -6.42
N PRO A 36 7.47 5.98 -6.13
CA PRO A 36 7.62 5.05 -7.25
C PRO A 36 6.31 4.50 -7.84
N GLU A 37 5.21 4.62 -7.10
CA GLU A 37 3.93 4.11 -7.57
C GLU A 37 3.15 5.07 -8.45
N GLN A 38 3.18 6.35 -8.10
CA GLN A 38 2.44 7.37 -8.82
C GLN A 38 3.27 8.60 -9.16
N ASP A 39 4.53 8.60 -8.74
CA ASP A 39 5.44 9.71 -8.97
C ASP A 39 4.81 10.98 -8.40
N ASP A 40 4.26 10.89 -7.20
CA ASP A 40 3.59 12.03 -6.60
C ASP A 40 3.64 11.87 -5.08
N LEU A 41 4.25 12.85 -4.40
CA LEU A 41 4.34 12.78 -2.94
C LEU A 41 3.03 13.10 -2.24
N ASN A 42 2.11 13.73 -2.95
CA ASN A 42 0.81 14.09 -2.35
C ASN A 42 -0.10 12.86 -2.45
N TRP A 43 0.19 11.87 -1.62
CA TRP A 43 -0.54 10.61 -1.63
C TRP A 43 -2.02 10.61 -1.26
N ILE A 44 -2.48 11.61 -0.50
CA ILE A 44 -3.90 11.60 -0.12
C ILE A 44 -4.83 11.75 -1.32
N LYS A 45 -4.31 12.29 -2.41
CA LYS A 45 -5.12 12.44 -3.60
C LYS A 45 -5.49 11.05 -4.12
N TYR A 46 -4.72 10.04 -3.77
CA TYR A 46 -4.96 8.68 -4.27
C TYR A 46 -5.96 7.82 -3.49
N TYR A 47 -6.56 8.39 -2.46
CA TYR A 47 -7.60 7.68 -1.72
C TYR A 47 -8.74 7.49 -2.73
N GLY A 48 -8.89 8.47 -3.62
CA GLY A 48 -9.94 8.44 -4.64
C GLY A 48 -9.43 8.06 -6.02
N TYR A 49 -8.24 7.49 -6.10
CA TYR A 49 -7.67 7.09 -7.37
C TYR A 49 -8.54 5.96 -7.96
N CYS A 50 -8.93 6.11 -9.23
CA CYS A 50 -9.76 5.10 -9.89
C CYS A 50 -9.43 5.14 -11.36
N GLU A 51 -9.12 3.99 -11.93
CA GLU A 51 -8.73 3.99 -13.35
C GLU A 51 -8.72 2.62 -13.97
N ASP A 52 -9.11 2.54 -15.25
CA ASP A 52 -9.08 1.28 -15.97
C ASP A 52 -7.76 1.33 -16.73
N ILE A 53 -6.81 0.53 -16.31
CA ILE A 53 -5.48 0.49 -16.90
C ILE A 53 -5.36 -0.48 -18.08
N GLU A 54 -6.50 -0.81 -18.69
CA GLU A 54 -6.54 -1.73 -19.84
C GLU A 54 -5.70 -3.00 -19.66
N ASP A 55 -5.64 -3.49 -18.43
CA ASP A 55 -4.86 -4.68 -18.12
C ASP A 55 -5.71 -5.92 -17.81
N GLU A 56 -6.98 -5.86 -18.16
CA GLU A 56 -7.92 -6.97 -17.94
C GLU A 56 -8.18 -7.32 -16.45
N ARG A 57 -7.97 -6.34 -15.57
CA ARG A 57 -8.18 -6.54 -14.13
C ARG A 57 -9.34 -5.71 -13.60
N GLY A 58 -10.09 -5.10 -14.50
CA GLY A 58 -11.20 -4.25 -14.10
C GLY A 58 -10.61 -2.89 -13.75
N TYR A 59 -11.16 -2.25 -12.73
CA TYR A 59 -10.67 -0.94 -12.32
C TYR A 59 -9.67 -1.04 -11.18
N THR A 60 -8.62 -0.22 -11.26
CA THR A 60 -7.61 -0.16 -10.20
C THR A 60 -8.07 0.99 -9.31
N ILE A 61 -8.16 0.75 -8.01
CA ILE A 61 -8.66 1.76 -7.07
C ILE A 61 -7.83 1.94 -5.81
N GLY A 62 -7.74 3.18 -5.35
CA GLY A 62 -7.06 3.45 -4.11
C GLY A 62 -5.56 3.54 -4.06
N LEU A 63 -5.05 3.37 -2.84
CA LEU A 63 -3.62 3.51 -2.53
C LEU A 63 -2.71 2.35 -2.78
N PHE A 64 -3.26 1.14 -2.80
CA PHE A 64 -2.41 -0.03 -2.93
C PHE A 64 -2.64 -0.98 -4.10
N GLY A 65 -3.23 -0.46 -5.17
CA GLY A 65 -3.45 -1.27 -6.36
C GLY A 65 -4.57 -2.29 -6.35
N ALA A 66 -5.57 -2.12 -5.49
CA ALA A 66 -6.70 -3.05 -5.46
C ALA A 66 -7.44 -2.93 -6.79
N THR A 67 -7.96 -4.04 -7.29
CA THR A 67 -8.69 -4.03 -8.55
C THR A 67 -10.08 -4.61 -8.32
N THR A 68 -11.02 -4.28 -9.21
CA THR A 68 -12.40 -4.79 -9.09
C THR A 68 -12.51 -6.18 -9.71
N GLY A 69 -11.52 -6.56 -10.51
CA GLY A 69 -11.52 -7.89 -11.09
C GLY A 69 -11.77 -7.97 -12.57
N GLY A 70 -11.17 -8.99 -13.19
CA GLY A 70 -11.32 -9.21 -14.61
C GLY A 70 -10.83 -10.59 -14.97
N SER A 71 -10.78 -10.88 -16.27
CA SER A 71 -10.35 -12.19 -16.76
C SER A 71 -8.97 -12.56 -16.24
N ARG A 72 -8.11 -11.56 -16.07
CA ARG A 72 -6.77 -11.78 -15.58
C ARG A 72 -6.59 -11.54 -14.09
N ASP A 73 -7.67 -11.18 -13.41
CA ASP A 73 -7.63 -10.98 -11.96
C ASP A 73 -8.96 -11.45 -11.40
N THR A 74 -9.00 -12.73 -11.08
CA THR A 74 -10.19 -13.38 -10.54
C THR A 74 -10.18 -13.50 -9.03
N HIS A 75 -9.18 -12.90 -8.39
CA HIS A 75 -9.05 -12.91 -6.93
C HIS A 75 -8.76 -11.48 -6.53
N PRO A 76 -9.49 -10.51 -7.10
CA PRO A 76 -9.16 -9.13 -6.72
C PRO A 76 -9.43 -8.79 -5.26
N ASP A 77 -8.81 -7.71 -4.78
CA ASP A 77 -9.01 -7.26 -3.41
C ASP A 77 -10.06 -6.15 -3.33
N GLY A 78 -10.49 -5.67 -4.50
CA GLY A 78 -11.49 -4.63 -4.56
C GLY A 78 -12.76 -4.98 -3.79
N PRO A 79 -13.32 -6.18 -3.98
CA PRO A 79 -14.53 -6.54 -3.23
C PRO A 79 -14.35 -6.39 -1.71
N ASP A 80 -13.16 -6.76 -1.22
CA ASP A 80 -12.87 -6.67 0.21
C ASP A 80 -12.89 -5.23 0.65
N LEU A 81 -12.34 -4.36 -0.19
CA LEU A 81 -12.30 -2.92 0.10
C LEU A 81 -13.73 -2.37 0.25
N PHE A 82 -14.60 -2.70 -0.70
CA PHE A 82 -15.99 -2.24 -0.64
C PHE A 82 -16.74 -2.83 0.54
N LYS A 83 -16.51 -4.09 0.85
CA LYS A 83 -17.17 -4.69 2.01
C LYS A 83 -16.74 -3.95 3.27
N ALA A 84 -15.46 -3.62 3.35
CA ALA A 84 -14.92 -2.91 4.52
C ALA A 84 -15.58 -1.53 4.66
N TYR A 85 -15.86 -0.90 3.52
CA TYR A 85 -16.51 0.41 3.53
C TYR A 85 -17.94 0.27 4.09
N ASP A 86 -18.63 -0.77 3.64
CA ASP A 86 -20.00 -1.02 4.09
C ASP A 86 -19.97 -1.23 5.59
N ALA A 87 -18.95 -1.94 6.07
CA ALA A 87 -18.80 -2.19 7.50
C ALA A 87 -18.51 -0.88 8.24
N ALA A 88 -17.60 -0.07 7.70
CA ALA A 88 -17.24 1.20 8.30
C ALA A 88 -18.46 2.13 8.38
N LYS A 89 -19.40 1.97 7.46
CA LYS A 89 -20.62 2.78 7.46
C LYS A 89 -21.68 2.21 8.40
N GLY A 90 -21.36 1.11 9.08
CA GLY A 90 -22.28 0.54 10.05
C GLY A 90 -23.16 -0.64 9.69
N ALA A 91 -22.96 -1.25 8.53
CA ALA A 91 -23.78 -2.41 8.14
C ALA A 91 -23.53 -3.60 9.06
N SER A 92 -24.62 -4.25 9.51
CA SER A 92 -24.53 -5.41 10.38
C SER A 92 -24.13 -6.66 9.58
N ASN A 93 -24.46 -6.67 8.29
CA ASN A 93 -24.10 -7.78 7.41
C ASN A 93 -23.44 -7.08 6.23
N PRO A 94 -22.23 -6.55 6.44
CA PRO A 94 -21.50 -5.83 5.39
C PRO A 94 -21.20 -6.67 4.16
N SER A 95 -21.23 -6.03 2.99
CA SER A 95 -20.93 -6.73 1.76
C SER A 95 -20.57 -5.73 0.67
N ALA A 96 -19.85 -6.20 -0.35
CA ALA A 96 -19.47 -5.35 -1.47
C ALA A 96 -20.74 -4.82 -2.13
N ASP A 97 -21.75 -5.68 -2.27
CA ASP A 97 -23.02 -5.25 -2.87
C ASP A 97 -23.68 -4.13 -2.06
N GLY A 98 -23.63 -4.25 -0.74
CA GLY A 98 -24.20 -3.24 0.14
C GLY A 98 -23.52 -1.91 -0.08
N ALA A 99 -22.19 -1.95 -0.24
CA ALA A 99 -21.41 -0.75 -0.47
C ALA A 99 -21.78 -0.08 -1.81
N LEU A 100 -21.88 -0.87 -2.87
CA LEU A 100 -22.22 -0.31 -4.17
C LEU A 100 -23.59 0.34 -4.13
N LYS A 101 -24.52 -0.28 -3.41
CA LYS A 101 -25.87 0.28 -3.27
C LYS A 101 -25.82 1.63 -2.57
N ARG A 102 -25.10 1.71 -1.45
CA ARG A 102 -24.97 2.98 -0.71
C ARG A 102 -24.45 4.07 -1.60
N LEU A 103 -23.51 3.70 -2.46
CA LEU A 103 -22.88 4.65 -3.35
C LEU A 103 -23.66 4.91 -4.63
N GLY A 104 -24.76 4.19 -4.84
CA GLY A 104 -25.55 4.36 -6.04
C GLY A 104 -24.81 3.93 -7.30
N ILE A 105 -23.97 2.92 -7.15
CA ILE A 105 -23.21 2.38 -8.28
C ILE A 105 -23.96 1.18 -8.84
N ASN A 106 -24.10 1.13 -10.16
CA ASN A 106 -24.79 0.01 -10.81
C ASN A 106 -23.75 -1.08 -11.01
N GLY A 107 -23.68 -1.98 -10.03
CA GLY A 107 -22.73 -3.08 -10.09
C GLY A 107 -23.09 -4.15 -9.07
N LYS A 108 -22.53 -5.33 -9.23
CA LYS A 108 -22.79 -6.45 -8.33
C LYS A 108 -21.60 -7.36 -8.29
N MET A 109 -21.57 -8.21 -7.28
CA MET A 109 -20.53 -9.20 -7.12
C MET A 109 -20.97 -10.40 -7.95
N LYS A 110 -20.13 -10.80 -8.90
CA LYS A 110 -20.43 -11.95 -9.74
C LYS A 110 -19.28 -12.92 -9.45
N GLY A 111 -19.52 -13.87 -8.56
CA GLY A 111 -18.48 -14.81 -8.19
C GLY A 111 -17.54 -14.10 -7.23
N SER A 112 -16.27 -13.97 -7.61
CA SER A 112 -15.29 -13.30 -6.75
C SER A 112 -14.87 -11.98 -7.39
N ILE A 113 -15.60 -11.59 -8.42
CA ILE A 113 -15.34 -10.38 -9.18
C ILE A 113 -16.47 -9.37 -9.02
N LEU A 114 -16.17 -8.09 -9.22
CA LEU A 114 -17.18 -7.05 -9.17
C LEU A 114 -17.50 -6.72 -10.61
N GLU A 115 -18.78 -6.84 -10.98
CA GLU A 115 -19.21 -6.54 -12.33
C GLU A 115 -19.81 -5.14 -12.29
N ILE A 116 -19.13 -4.17 -12.89
CA ILE A 116 -19.58 -2.78 -12.91
C ILE A 116 -20.27 -2.46 -14.25
N LYS A 117 -21.50 -1.97 -14.19
CA LYS A 117 -22.25 -1.62 -15.40
C LYS A 117 -22.13 -0.14 -15.79
N ASP A 118 -21.87 0.72 -14.81
CA ASP A 118 -21.68 2.14 -15.09
C ASP A 118 -20.41 2.32 -15.90
N SER A 119 -20.33 3.45 -16.58
CA SER A 119 -19.15 3.79 -17.39
C SER A 119 -18.02 4.16 -16.43
N GLU A 120 -16.80 4.25 -16.94
CA GLU A 120 -15.67 4.61 -16.10
C GLU A 120 -15.91 6.02 -15.55
N LYS A 121 -16.40 6.91 -16.41
CA LYS A 121 -16.68 8.29 -16.02
C LYS A 121 -17.56 8.32 -14.78
N VAL A 122 -18.67 7.59 -14.82
CA VAL A 122 -19.62 7.52 -13.71
C VAL A 122 -19.03 6.81 -12.47
N PHE A 123 -18.48 5.62 -12.68
CA PHE A 123 -17.90 4.84 -11.59
C PHE A 123 -16.76 5.55 -10.89
N CYS A 124 -15.73 5.90 -11.64
CA CYS A 124 -14.59 6.58 -11.06
C CYS A 124 -14.95 7.96 -10.52
N GLY A 125 -16.00 8.56 -11.08
CA GLY A 125 -16.42 9.87 -10.61
C GLY A 125 -16.92 9.76 -9.17
N LYS A 126 -17.59 8.65 -8.87
CA LYS A 126 -18.10 8.42 -7.54
C LYS A 126 -16.98 8.09 -6.56
N ILE A 127 -15.97 7.38 -7.03
CA ILE A 127 -14.84 7.00 -6.18
C ILE A 127 -14.05 8.25 -5.81
N LYS A 128 -13.83 9.11 -6.80
CA LYS A 128 -13.10 10.36 -6.61
C LYS A 128 -13.68 11.17 -5.45
N LYS A 129 -15.00 11.15 -5.34
CA LYS A 129 -15.73 11.86 -4.29
C LYS A 129 -15.44 11.37 -2.88
N LEU A 130 -14.93 10.15 -2.76
CA LEU A 130 -14.66 9.53 -1.46
C LEU A 130 -13.33 9.90 -0.83
N GLN A 131 -12.52 10.67 -1.53
CA GLN A 131 -11.20 11.05 -1.05
C GLN A 131 -11.16 11.56 0.38
N ASN A 132 -12.16 12.31 0.79
CA ASN A 132 -12.18 12.85 2.13
C ASN A 132 -13.28 12.26 3.00
N ASP A 133 -13.74 11.07 2.64
CA ASP A 133 -14.77 10.37 3.40
C ASP A 133 -13.99 9.55 4.45
N ALA A 134 -14.25 9.82 5.74
CA ALA A 134 -13.55 9.15 6.83
C ALA A 134 -13.71 7.62 6.81
N ALA A 135 -14.91 7.17 6.48
CA ALA A 135 -15.19 5.73 6.43
C ALA A 135 -14.44 5.06 5.28
N TRP A 136 -14.32 5.75 4.15
CA TRP A 136 -13.57 5.21 3.01
C TRP A 136 -12.09 5.13 3.36
N ARG A 137 -11.56 6.17 4.03
CA ARG A 137 -10.15 6.16 4.45
C ARG A 137 -9.87 5.02 5.42
N LYS A 138 -10.82 4.78 6.32
CA LYS A 138 -10.71 3.71 7.29
C LYS A 138 -10.72 2.36 6.57
N ALA A 139 -11.68 2.20 5.66
CA ALA A 139 -11.81 0.95 4.88
C ALA A 139 -10.54 0.71 4.05
N MET A 140 -10.00 1.79 3.51
CA MET A 140 -8.79 1.73 2.69
C MET A 140 -7.64 1.18 3.53
N TRP A 141 -7.44 1.75 4.71
CA TRP A 141 -6.36 1.31 5.58
C TRP A 141 -6.54 -0.08 6.16
N GLU A 142 -7.79 -0.44 6.50
CA GLU A 142 -8.04 -1.77 7.04
C GLU A 142 -7.72 -2.80 5.98
N THR A 143 -8.09 -2.51 4.74
CA THR A 143 -7.85 -3.45 3.66
C THR A 143 -6.36 -3.54 3.31
N PHE A 144 -5.70 -2.39 3.28
CA PHE A 144 -4.25 -2.31 3.01
C PHE A 144 -3.56 -3.17 4.08
N TYR A 145 -4.05 -3.09 5.32
CA TYR A 145 -3.53 -3.85 6.44
C TYR A 145 -3.71 -5.36 6.21
N ASN A 146 -4.94 -5.79 5.94
CA ASN A 146 -5.18 -7.21 5.71
C ASN A 146 -4.43 -7.81 4.53
N VAL A 147 -4.25 -7.03 3.47
CA VAL A 147 -3.58 -7.52 2.26
C VAL A 147 -2.06 -7.49 2.34
N TYR A 148 -1.47 -6.42 2.88
CA TYR A 148 -0.02 -6.32 2.94
C TYR A 148 0.64 -5.96 4.25
N ILE A 149 0.03 -5.06 5.02
CA ILE A 149 0.70 -4.58 6.24
C ILE A 149 0.83 -5.57 7.39
N ARG A 150 -0.24 -6.31 7.65
CA ARG A 150 -0.22 -7.28 8.75
C ARG A 150 0.95 -8.26 8.60
N TYR A 151 1.06 -8.84 7.42
CA TYR A 151 2.12 -9.80 7.15
C TYR A 151 3.51 -9.15 7.31
N SER A 152 3.66 -7.94 6.78
CA SER A 152 4.93 -7.21 6.88
C SER A 152 5.33 -6.95 8.35
N VAL A 153 4.35 -6.51 9.14
CA VAL A 153 4.59 -6.24 10.56
C VAL A 153 4.95 -7.54 11.30
N GLU A 154 4.28 -8.63 10.95
CA GLU A 154 4.54 -9.94 11.55
C GLU A 154 5.97 -10.40 11.26
N GLN A 155 6.43 -10.21 10.03
CA GLN A 155 7.79 -10.60 9.64
C GLN A 155 8.84 -9.79 10.42
N ALA A 156 8.57 -8.50 10.60
CA ALA A 156 9.46 -7.63 11.36
C ALA A 156 9.48 -8.03 12.84
N ARG A 157 8.31 -8.20 13.45
CA ARG A 157 8.26 -8.58 14.85
C ARG A 157 8.88 -9.94 15.14
N GLN A 158 8.72 -10.88 14.22
CA GLN A 158 9.30 -12.20 14.38
C GLN A 158 10.82 -12.09 14.55
N ARG A 159 11.42 -11.12 13.88
CA ARG A 159 12.86 -10.93 13.96
C ARG A 159 13.28 -9.93 15.02
N GLY A 160 12.33 -9.42 15.78
CA GLY A 160 12.63 -8.45 16.81
C GLY A 160 12.86 -7.04 16.26
N PHE A 161 12.36 -6.78 15.07
CA PHE A 161 12.51 -5.45 14.44
C PHE A 161 11.16 -4.73 14.48
N THR A 162 11.15 -3.45 14.85
CA THR A 162 9.91 -2.71 14.91
C THR A 162 10.05 -1.28 14.37
N SER A 163 11.17 -0.96 13.71
CA SER A 163 11.37 0.38 13.21
C SER A 163 10.45 0.72 12.06
N ALA A 164 10.21 2.02 11.89
CA ALA A 164 9.37 2.53 10.83
C ALA A 164 9.99 2.20 9.47
N VAL A 165 11.31 2.32 9.37
CA VAL A 165 11.98 2.03 8.10
C VAL A 165 11.82 0.55 7.72
N THR A 166 12.01 -0.33 8.69
CA THR A 166 11.89 -1.76 8.42
C THR A 166 10.48 -2.12 7.97
N ILE A 167 9.48 -1.65 8.71
CA ILE A 167 8.10 -1.94 8.36
C ILE A 167 7.76 -1.34 7.00
N GLY A 168 8.13 -0.09 6.77
CA GLY A 168 7.85 0.55 5.50
C GLY A 168 8.49 -0.15 4.31
N SER A 169 9.73 -0.60 4.49
CA SER A 169 10.45 -1.29 3.43
C SER A 169 9.80 -2.64 3.10
N PHE A 170 9.39 -3.36 4.14
CA PHE A 170 8.74 -4.64 3.95
C PHE A 170 7.42 -4.43 3.21
N VAL A 171 6.66 -3.41 3.63
CA VAL A 171 5.38 -3.10 2.96
C VAL A 171 5.59 -2.72 1.49
N ASP A 172 6.59 -1.90 1.20
CA ASP A 172 6.84 -1.52 -0.19
C ASP A 172 7.12 -2.77 -1.03
N THR A 173 7.91 -3.68 -0.45
CA THR A 173 8.26 -4.94 -1.12
C THR A 173 7.03 -5.81 -1.38
N ALA A 174 6.18 -5.99 -0.36
CA ALA A 174 4.97 -6.80 -0.49
C ALA A 174 4.02 -6.20 -1.51
N LEU A 175 3.82 -4.89 -1.45
CA LEU A 175 2.94 -4.20 -2.37
C LEU A 175 3.43 -4.33 -3.82
N ASN A 176 4.73 -4.14 -4.02
CA ASN A 176 5.31 -4.17 -5.35
C ASN A 176 5.56 -5.55 -5.96
N GLN A 177 6.00 -6.51 -5.14
CA GLN A 177 6.34 -7.83 -5.63
C GLN A 177 5.54 -9.01 -5.06
N GLY A 178 4.62 -8.71 -4.15
CA GLY A 178 3.83 -9.77 -3.53
C GLY A 178 4.37 -10.11 -2.16
N ALA A 179 3.45 -10.51 -1.28
CA ALA A 179 3.78 -10.86 0.10
C ALA A 179 4.36 -12.28 0.23
N THR A 180 3.66 -13.27 -0.32
CA THR A 180 4.10 -14.66 -0.19
C THR A 180 4.07 -15.39 -1.52
N GLY A 181 4.73 -16.53 -1.55
CA GLY A 181 4.79 -17.30 -2.77
C GLY A 181 6.22 -17.47 -3.25
N GLY A 182 6.48 -17.05 -4.49
CA GLY A 182 7.79 -17.19 -5.10
C GLY A 182 8.99 -16.56 -4.44
N SER A 183 10.15 -16.81 -5.05
CA SER A 183 11.40 -16.30 -4.53
C SER A 183 11.53 -14.77 -4.62
N ASP A 184 10.71 -14.15 -5.47
CA ASP A 184 10.75 -12.70 -5.64
C ASP A 184 9.87 -11.92 -4.67
N THR A 185 9.04 -12.62 -3.90
CA THR A 185 8.14 -11.96 -2.96
C THR A 185 8.84 -11.57 -1.65
N LEU A 186 8.11 -10.88 -0.77
CA LEU A 186 8.66 -10.48 0.52
C LEU A 186 9.11 -11.75 1.24
N GLN A 187 8.26 -12.78 1.22
CA GLN A 187 8.59 -14.05 1.86
C GLN A 187 9.88 -14.66 1.28
N GLY A 188 9.95 -14.71 -0.04
CA GLY A 188 11.10 -15.27 -0.72
C GLY A 188 12.38 -14.54 -0.43
N LEU A 189 12.35 -13.20 -0.51
CA LEU A 189 13.54 -12.38 -0.24
C LEU A 189 14.02 -12.54 1.21
N LEU A 190 13.09 -12.59 2.16
CA LEU A 190 13.47 -12.74 3.55
C LEU A 190 14.18 -14.06 3.76
N ALA A 191 13.74 -15.10 3.07
CA ALA A 191 14.36 -16.41 3.19
C ALA A 191 15.83 -16.39 2.76
N ARG A 192 16.19 -15.43 1.91
CA ARG A 192 17.57 -15.31 1.42
C ARG A 192 18.32 -14.12 2.02
N SER A 193 17.78 -13.48 3.05
CA SER A 193 18.42 -12.32 3.63
C SER A 193 19.33 -12.54 4.84
N GLY A 194 19.49 -13.78 5.26
CA GLY A 194 20.35 -14.05 6.39
C GLY A 194 19.61 -14.08 7.70
N SER A 195 20.38 -14.13 8.79
CA SER A 195 19.80 -14.22 10.12
C SER A 195 20.37 -13.20 11.12
N SER A 196 20.93 -12.12 10.62
CA SER A 196 21.52 -11.11 11.49
C SER A 196 20.48 -10.57 12.47
N SER A 197 20.88 -10.42 13.73
CA SER A 197 19.98 -9.88 14.74
C SER A 197 20.15 -8.36 14.83
N ASN A 198 21.06 -7.82 14.03
CA ASN A 198 21.27 -6.37 14.01
C ASN A 198 20.37 -5.84 12.90
N GLU A 199 19.37 -5.03 13.27
CA GLU A 199 18.41 -4.49 12.33
C GLU A 199 19.01 -3.78 11.12
N LYS A 200 20.02 -2.96 11.34
CA LYS A 200 20.66 -2.23 10.24
C LYS A 200 21.33 -3.17 9.24
N THR A 201 22.10 -4.11 9.77
CA THR A 201 22.80 -5.12 8.97
C THR A 201 21.80 -5.95 8.18
N PHE A 202 20.75 -6.41 8.86
CA PHE A 202 19.74 -7.22 8.20
C PHE A 202 19.11 -6.46 7.04
N MET A 203 18.71 -5.22 7.29
CA MET A 203 18.08 -4.41 6.25
C MET A 203 19.00 -4.09 5.09
N LYS A 204 20.30 -3.89 5.36
CA LYS A 204 21.28 -3.65 4.29
C LYS A 204 21.34 -4.90 3.40
N ASN A 205 21.33 -6.06 4.03
CA ASN A 205 21.37 -7.32 3.31
C ASN A 205 20.10 -7.52 2.50
N PHE A 206 18.96 -7.27 3.15
CA PHE A 206 17.66 -7.41 2.51
C PHE A 206 17.55 -6.53 1.27
N HIS A 207 17.94 -5.27 1.42
CA HIS A 207 17.88 -4.32 0.30
C HIS A 207 18.78 -4.78 -0.86
N ALA A 208 19.94 -5.36 -0.56
CA ALA A 208 20.86 -5.83 -1.58
C ALA A 208 20.22 -6.98 -2.38
N LYS A 209 19.56 -7.90 -1.68
CA LYS A 209 18.89 -9.01 -2.35
C LYS A 209 17.69 -8.51 -3.15
N ARG A 210 16.97 -7.52 -2.61
CA ARG A 210 15.82 -6.99 -3.34
C ARG A 210 16.27 -6.30 -4.62
N THR A 211 17.40 -5.60 -4.58
CA THR A 211 17.90 -4.89 -5.75
C THR A 211 18.17 -5.81 -6.96
N LEU A 212 18.46 -7.07 -6.69
CA LEU A 212 18.72 -8.04 -7.76
C LEU A 212 17.49 -8.35 -8.61
N VAL A 213 16.30 -8.35 -8.02
CA VAL A 213 15.07 -8.68 -8.77
C VAL A 213 14.06 -7.54 -8.95
N VAL A 214 14.26 -6.44 -8.23
CA VAL A 214 13.34 -5.32 -8.29
C VAL A 214 13.12 -4.70 -9.69
N ASP A 215 14.17 -4.64 -10.51
CA ASP A 215 14.02 -4.06 -11.84
C ASP A 215 13.50 -4.98 -12.93
N THR A 216 13.10 -6.18 -12.55
CA THR A 216 12.52 -7.09 -13.52
C THR A 216 11.30 -6.32 -13.99
N ASN A 217 11.23 -6.06 -15.30
CA ASN A 217 10.14 -5.29 -15.90
C ASN A 217 8.75 -5.47 -15.32
N LYS A 218 8.40 -6.69 -14.89
CA LYS A 218 7.08 -6.92 -14.32
C LYS A 218 6.81 -6.17 -13.03
N TYR A 219 7.85 -5.75 -12.33
CA TYR A 219 7.68 -5.03 -11.07
C TYR A 219 7.88 -3.53 -11.26
N ASN A 220 8.93 -3.17 -12.00
CA ASN A 220 9.22 -1.76 -12.26
C ASN A 220 9.95 -1.59 -13.59
N LYS A 221 9.88 -0.39 -14.13
CA LYS A 221 10.60 -0.09 -15.36
C LYS A 221 11.97 0.37 -14.86
N PRO A 222 13.05 -0.31 -15.29
CA PRO A 222 14.40 0.08 -14.85
C PRO A 222 14.67 1.53 -15.26
N PRO A 223 15.38 2.29 -14.41
CA PRO A 223 15.92 1.90 -13.11
C PRO A 223 15.04 2.32 -11.93
N ASN A 224 13.74 2.43 -12.14
CA ASN A 224 12.82 2.84 -11.08
C ASN A 224 12.85 1.92 -9.87
N GLY A 225 13.02 0.62 -10.13
CA GLY A 225 13.07 -0.35 -9.05
C GLY A 225 14.30 -0.15 -8.18
N LYS A 226 15.45 0.00 -8.83
CA LYS A 226 16.70 0.21 -8.12
C LYS A 226 16.59 1.48 -7.26
N ASN A 227 15.95 2.51 -7.81
CA ASN A 227 15.77 3.78 -7.14
C ASN A 227 14.81 3.71 -5.97
N ARG A 228 13.72 2.95 -6.12
CA ARG A 228 12.77 2.85 -5.01
C ARG A 228 13.42 2.17 -3.80
N VAL A 229 14.22 1.11 -4.01
CA VAL A 229 14.83 0.47 -2.86
C VAL A 229 15.98 1.31 -2.29
N LYS A 230 16.63 2.08 -3.15
CA LYS A 230 17.71 2.96 -2.74
C LYS A 230 17.19 3.98 -1.69
N GLN A 231 15.93 4.40 -1.84
CA GLN A 231 15.34 5.36 -0.90
C GLN A 231 15.42 4.82 0.53
N TRP A 232 15.00 3.57 0.71
CA TRP A 232 14.99 2.93 2.02
C TRP A 232 16.38 2.65 2.52
N ASP A 233 17.25 2.17 1.63
CA ASP A 233 18.61 1.87 2.04
C ASP A 233 19.34 3.13 2.52
N THR A 234 19.07 4.26 1.86
CA THR A 234 19.71 5.53 2.23
C THR A 234 19.30 5.93 3.63
N LEU A 235 18.03 5.74 3.96
CA LEU A 235 17.55 6.10 5.30
C LEU A 235 18.23 5.25 6.35
N VAL A 236 18.52 3.99 6.01
CA VAL A 236 19.21 3.09 6.91
C VAL A 236 20.64 3.62 7.14
N ASP A 237 21.35 3.97 6.04
CA ASP A 237 22.71 4.50 6.14
C ASP A 237 22.75 5.79 6.96
N MET A 238 21.74 6.64 6.79
CA MET A 238 21.67 7.88 7.54
C MET A 238 21.18 7.67 8.97
N GLY A 239 20.80 6.43 9.30
CA GLY A 239 20.32 6.15 10.64
C GLY A 239 18.98 6.76 11.01
N LYS A 240 18.16 7.10 10.02
CA LYS A 240 16.84 7.69 10.27
C LYS A 240 15.76 6.60 10.34
N MET A 241 16.03 5.57 11.13
CA MET A 241 15.11 4.44 11.26
C MET A 241 13.72 4.75 11.82
N ASN A 242 13.62 5.79 12.63
CA ASN A 242 12.34 6.13 13.28
C ASN A 242 11.38 6.94 12.42
N LEU A 243 11.88 7.49 11.31
CA LEU A 243 11.07 8.29 10.40
C LEU A 243 10.25 9.41 11.05
N LYS A 244 10.87 10.09 12.01
CA LYS A 244 10.22 11.22 12.66
C LYS A 244 11.20 12.37 12.56
N ASN A 245 10.67 13.54 12.25
CA ASN A 245 11.46 14.77 12.08
C ASN A 245 12.46 14.60 10.94
N VAL A 246 11.98 14.04 9.83
CA VAL A 246 12.82 13.81 8.65
C VAL A 246 12.24 14.41 7.35
N ASP A 247 11.54 15.53 7.46
CA ASP A 247 10.94 16.16 6.29
C ASP A 247 11.95 16.49 5.19
N SER A 248 13.07 17.10 5.56
CA SER A 248 14.07 17.44 4.54
C SER A 248 14.74 16.20 3.95
N GLU A 249 15.02 15.20 4.79
CA GLU A 249 15.64 13.96 4.32
C GLU A 249 14.71 13.27 3.31
N ILE A 250 13.42 13.20 3.62
CA ILE A 250 12.45 12.57 2.72
C ILE A 250 12.41 13.30 1.38
N ALA A 251 12.47 14.63 1.43
CA ALA A 251 12.48 15.45 0.22
C ALA A 251 13.73 15.12 -0.61
N GLN A 252 14.84 14.89 0.07
CA GLN A 252 16.10 14.56 -0.60
C GLN A 252 16.11 13.15 -1.23
N VAL A 253 15.71 12.14 -0.46
CA VAL A 253 15.73 10.78 -1.01
C VAL A 253 14.69 10.49 -2.09
N THR A 254 13.65 11.33 -2.19
CA THR A 254 12.66 11.09 -3.23
C THR A 254 12.95 11.97 -4.44
N ASP A 255 14.05 12.71 -4.38
CA ASP A 255 14.45 13.58 -5.46
C ASP A 255 15.17 12.80 -6.56
N TRP A 256 14.40 12.08 -7.38
CA TRP A 256 14.96 11.31 -8.49
C TRP A 256 13.93 11.22 -9.60
N GLU A 257 14.39 11.13 -10.84
CA GLU A 257 13.49 11.08 -11.97
C GLU A 257 13.00 9.66 -12.28
N MET A 258 11.68 9.52 -12.39
CA MET A 258 11.07 8.24 -12.70
C MET A 258 11.26 7.98 -14.19
N LYS A 259 12.02 6.94 -14.51
CA LYS A 259 12.34 6.49 -15.87
C LYS A 259 13.52 7.26 -16.50
C1 NAG B . 1.34 1.15 -15.01
C2 NAG B . 0.62 0.74 -13.72
C3 NAG B . 0.94 -0.69 -13.28
C4 NAG B . 1.48 -1.69 -14.27
C5 NAG B . 2.40 -0.99 -15.26
C6 NAG B . 2.99 -1.89 -16.33
C7 NAG B . 0.62 2.39 -11.77
C8 NAG B . 1.50 3.20 -10.83
N2 NAG B . 1.07 1.66 -12.65
O1 NAG B . 0.52 2.10 -15.73
O3 NAG B . -0.34 -1.21 -12.72
O4 NAG B . 2.22 -2.90 -13.56
O5 NAG B . 1.57 0.01 -15.90
O6 NAG B . 3.82 -1.05 -17.23
O7 NAG B . -0.57 2.47 -11.86
C1 GCS B . 1.39 -3.89 -12.86
C2 GCS B . 1.87 -5.23 -12.34
C3 GCS B . 0.79 -5.82 -11.51
C4 GCS B . 0.43 -4.89 -10.33
C5 GCS B . -0.28 -3.69 -10.98
C6 GCS B . -0.77 -2.58 -9.91
N2 GCS B . 2.23 -6.13 -13.46
O3 GCS B . 1.21 -7.17 -10.97
O4 GCS B . -0.69 -5.74 -10.02
O5 GCS B . 0.77 -3.06 -11.81
O6 GCS B . -1.47 -1.38 -10.59
C1 GCS B . -0.64 -6.69 -9.08
C2 GCS B . -1.43 -6.21 -7.84
C3 GCS B . -1.85 -7.39 -6.90
C4 GCS B . -1.74 -8.83 -7.42
C5 GCS B . -0.52 -8.90 -8.37
C6 GCS B . -0.20 -10.20 -9.01
N2 GCS B . -0.49 -5.30 -7.11
O3 GCS B . -3.25 -7.18 -6.44
O5 GCS B . -0.81 -8.04 -9.42
O6 GCS B . 0.97 -9.84 -9.81
S SO4 C . -16.32 3.19 -20.98
O1 SO4 C . -16.75 2.89 -19.61
O2 SO4 C . -15.48 4.40 -20.85
#